data_6VCL
#
_entry.id   6VCL
#
_cell.length_a   162.444
_cell.length_b   190.649
_cell.length_c   51.336
_cell.angle_alpha   90.000
_cell.angle_beta   90.000
_cell.angle_gamma   90.000
#
_symmetry.space_group_name_H-M   'C 2 2 21'
#
loop_
_entity.id
_entity.type
_entity.pdbx_description
1 polymer 'Diaminopimelate epimerase'
2 polymer 'RNA pyrophosphohydrolase'
3 non-polymer 'CHLORIDE ION'
4 non-polymer 'MAGNESIUM ION'
5 non-polymer GLYCEROL
6 non-polymer 'FLUORIDE ION'
7 non-polymer "guanosine 5'-(tetrahydrogen triphosphate) 3'-(trihydrogen diphosphate)"
8 water water
#
loop_
_entity_poly.entity_id
_entity_poly.type
_entity_poly.pdbx_seq_one_letter_code
_entity_poly.pdbx_strand_id
1 'polypeptide(L)'
;SMQFSKMHGLGNDFMVVDAVTQNVFFSPELIRRLADAHLGVGFDQLLVVEPPYDPELDFHYRIFNADGSEVAQCGNGARC
FARFVRLKGLTNKRDIRVSTANGRMVLTVTDDDLVRVNMGEPNFEPSAVPFRANKAEKTYIMRAAEQTILCGVVSMGNPH
CVIQVDDVDTAAVETLGPVLESHERFPERANIGFMQVVKREHIRLRVYERGAGETQACGSGACAAVAVGIQQGLLAEEVR
VELPGGRLDIAWKGPGHPLYMTGPAVHVADGFIHL
;
A
2 'polypeptide(L)'
;SMIDDDGYRPNVGIVICNRQGQVMWARRFGQHSWQFPQGGINPGESAEQAMYRELFEEVGLSRKDVRILASTRNWLRYKL
PKRLVRWDTKPVCIGQKQKWFLLQLVSGDAEINMQTSSTPEFDGWRWVSYWYPVRQVVSFKRDVYRRVMKEFASVVMSLA
A
;
B
#
# COMPACT_ATOMS: atom_id res chain seq x y z
N SER A 1 18.18 -3.35 -15.31
CA SER A 1 17.19 -4.42 -15.30
C SER A 1 16.17 -4.27 -14.14
N MET A 2 14.89 -4.17 -14.48
CA MET A 2 13.85 -3.97 -13.46
C MET A 2 13.65 -5.22 -12.62
N GLN A 3 13.78 -5.08 -11.32
CA GLN A 3 13.52 -6.19 -10.41
C GLN A 3 12.01 -6.37 -10.20
N PHE A 4 11.58 -7.62 -10.00
CA PHE A 4 10.18 -7.89 -9.72
C PHE A 4 10.09 -9.15 -8.89
N SER A 5 8.92 -9.39 -8.31
CA SER A 5 8.62 -10.65 -7.65
C SER A 5 7.35 -11.26 -8.20
N LYS A 6 7.20 -12.55 -7.98
CA LYS A 6 5.96 -13.27 -8.26
C LYS A 6 5.38 -13.68 -6.93
N MET A 7 4.09 -13.42 -6.73
CA MET A 7 3.47 -13.80 -5.49
C MET A 7 2.10 -14.36 -5.77
N HIS A 8 1.56 -15.06 -4.77
CA HIS A 8 0.25 -15.70 -4.90
C HIS A 8 -0.59 -15.33 -3.70
N GLY A 9 -1.75 -14.73 -3.95
CA GLY A 9 -2.71 -14.46 -2.91
C GLY A 9 -4.14 -14.60 -3.42
N LEU A 10 -5.05 -15.05 -2.56
CA LEU A 10 -6.45 -15.22 -2.94
C LEU A 10 -6.58 -15.96 -4.27
N GLY A 11 -5.77 -17.00 -4.44
CA GLY A 11 -5.79 -17.78 -5.67
C GLY A 11 -5.52 -17.00 -6.94
N ASN A 12 -4.65 -15.99 -6.89
CA ASN A 12 -4.27 -15.25 -8.08
C ASN A 12 -2.76 -15.07 -8.12
N ASP A 13 -2.21 -15.13 -9.32
CA ASP A 13 -0.77 -14.93 -9.53
C ASP A 13 -0.52 -13.44 -9.77
N PHE A 14 0.21 -12.81 -8.84
CA PHE A 14 0.64 -11.43 -9.01
C PHE A 14 2.11 -11.35 -9.40
N MET A 15 2.39 -10.54 -10.42
CA MET A 15 3.70 -9.92 -10.56
C MET A 15 3.72 -8.66 -9.70
N VAL A 16 4.75 -8.49 -8.88
CA VAL A 16 4.79 -7.39 -7.91
C VAL A 16 6.06 -6.60 -8.13
N VAL A 17 5.94 -5.27 -8.21
CA VAL A 17 7.07 -4.40 -8.54
C VAL A 17 7.22 -3.29 -7.50
N ASP A 18 8.42 -3.17 -6.95
CA ASP A 18 8.85 -2.04 -6.13
C ASP A 18 9.06 -0.85 -7.05
N ALA A 19 8.07 0.03 -7.15
CA ALA A 19 8.25 1.26 -7.90
C ALA A 19 8.48 2.45 -6.96
N VAL A 20 9.01 2.17 -5.77
CA VAL A 20 9.41 3.17 -4.78
C VAL A 20 10.88 3.47 -4.94
N THR A 21 11.72 2.43 -4.85
CA THR A 21 13.15 2.60 -5.09
C THR A 21 13.55 2.39 -6.55
N GLN A 22 12.65 1.94 -7.43
CA GLN A 22 12.94 1.87 -8.86
C GLN A 22 12.11 2.92 -9.59
N ASN A 23 12.71 3.50 -10.64
CA ASN A 23 12.08 4.53 -11.46
C ASN A 23 11.51 3.84 -12.70
N VAL A 24 10.20 3.61 -12.70
CA VAL A 24 9.53 2.90 -13.79
C VAL A 24 8.17 3.54 -14.02
N PHE A 25 7.80 3.73 -15.27
CA PHE A 25 6.46 4.16 -15.61
C PHE A 25 5.74 3.05 -16.35
N PHE A 26 4.57 2.67 -15.85
CA PHE A 26 3.82 1.55 -16.42
C PHE A 26 2.78 2.07 -17.40
N SER A 27 3.21 2.26 -18.65
CA SER A 27 2.30 2.51 -19.74
C SER A 27 1.48 1.27 -20.05
N PRO A 28 0.32 1.43 -20.68
CA PRO A 28 -0.44 0.24 -21.06
C PRO A 28 0.34 -0.69 -21.99
N GLU A 29 1.19 -0.15 -22.86
CA GLU A 29 1.99 -1.00 -23.74
C GLU A 29 3.01 -1.80 -22.95
N LEU A 30 3.75 -1.14 -22.05
CA LEU A 30 4.68 -1.88 -21.21
C LEU A 30 3.96 -2.97 -20.43
N ILE A 31 2.77 -2.67 -19.92
CA ILE A 31 2.05 -3.64 -19.10
C ILE A 31 1.65 -4.86 -19.94
N ARG A 32 1.05 -4.62 -21.11
CA ARG A 32 0.67 -5.72 -21.99
C ARG A 32 1.88 -6.55 -22.44
N ARG A 33 3.02 -5.90 -22.67
CA ARG A 33 4.25 -6.64 -22.96
C ARG A 33 4.65 -7.51 -21.77
N LEU A 34 4.67 -6.94 -20.56
CA LEU A 34 5.05 -7.70 -19.38
C LEU A 34 4.09 -8.84 -19.12
N ALA A 35 2.81 -8.66 -19.45
CA ALA A 35 1.81 -9.73 -19.29
C ALA A 35 2.06 -10.92 -20.21
N ASP A 36 2.78 -10.71 -21.32
CA ASP A 36 3.06 -11.78 -22.29
C ASP A 36 4.02 -12.81 -21.68
N ALA A 37 3.59 -14.07 -21.58
CA ALA A 37 4.39 -15.05 -20.87
C ALA A 37 5.71 -15.35 -21.57
N HIS A 38 5.79 -15.14 -22.88
CA HIS A 38 7.00 -15.41 -23.65
C HIS A 38 7.85 -14.18 -23.88
N LEU A 39 7.24 -13.05 -24.26
CA LEU A 39 7.99 -11.81 -24.39
C LEU A 39 8.28 -11.17 -23.04
N GLY A 40 7.44 -11.42 -22.04
CA GLY A 40 7.55 -10.67 -20.80
C GLY A 40 7.70 -11.57 -19.61
N VAL A 41 6.84 -11.37 -18.61
CA VAL A 41 6.88 -12.14 -17.40
C VAL A 41 5.70 -13.10 -17.31
N GLY A 42 4.51 -12.64 -17.64
CA GLY A 42 3.31 -13.43 -17.49
C GLY A 42 2.72 -13.27 -16.11
N PHE A 43 1.44 -12.91 -16.03
CA PHE A 43 0.80 -12.74 -14.72
C PHE A 43 -0.71 -12.67 -14.92
N ASP A 44 -1.44 -13.00 -13.84
CA ASP A 44 -2.85 -12.65 -13.75
C ASP A 44 -3.02 -11.14 -13.61
N GLN A 45 -2.36 -10.56 -12.61
CA GLN A 45 -2.42 -9.12 -12.36
C GLN A 45 -1.03 -8.61 -12.02
N LEU A 46 -0.82 -7.32 -12.27
CA LEU A 46 0.41 -6.60 -11.95
C LEU A 46 0.15 -5.67 -10.76
N LEU A 47 0.88 -5.86 -9.67
CA LEU A 47 0.74 -5.02 -8.49
C LEU A 47 1.97 -4.11 -8.41
N VAL A 48 1.75 -2.79 -8.48
CA VAL A 48 2.83 -1.82 -8.52
C VAL A 48 2.79 -1.00 -7.23
N VAL A 49 3.87 -1.08 -6.46
CA VAL A 49 3.97 -0.38 -5.18
C VAL A 49 4.66 0.95 -5.40
N GLU A 50 4.02 2.04 -4.99
CA GLU A 50 4.49 3.41 -5.22
C GLU A 50 4.62 4.15 -3.90
N PRO A 51 5.35 5.26 -3.89
CA PRO A 51 5.33 6.14 -2.73
C PRO A 51 3.92 6.64 -2.47
N PRO A 52 3.60 7.02 -1.24
CA PRO A 52 2.24 7.50 -0.94
C PRO A 52 1.98 8.87 -1.56
N TYR A 53 0.68 9.17 -1.78
CA TYR A 53 0.25 10.51 -2.16
C TYR A 53 -0.01 11.41 -0.95
N ASP A 54 -0.25 10.83 0.23
CA ASP A 54 -0.65 11.47 1.48
C ASP A 54 0.46 11.29 2.52
N PRO A 55 0.92 12.35 3.17
CA PRO A 55 2.06 12.21 4.09
C PRO A 55 1.77 11.33 5.28
N GLU A 56 0.51 10.99 5.55
CA GLU A 56 0.18 10.12 6.66
C GLU A 56 -0.01 8.67 6.24
N LEU A 57 0.15 8.36 4.95
CA LEU A 57 0.13 6.96 4.53
C LEU A 57 1.54 6.48 4.22
N ASP A 58 1.71 5.16 4.25
CA ASP A 58 3.02 4.58 4.00
C ASP A 58 3.29 4.35 2.52
N PHE A 59 2.28 3.97 1.76
CA PHE A 59 2.45 3.62 0.35
C PHE A 59 1.15 3.86 -0.38
N HIS A 60 1.24 3.90 -1.71
CA HIS A 60 0.09 3.69 -2.58
C HIS A 60 0.38 2.43 -3.40
N TYR A 61 -0.64 1.67 -3.78
CA TYR A 61 -0.36 0.66 -4.80
C TYR A 61 -1.48 0.58 -5.82
N ARG A 62 -1.11 0.19 -7.02
CA ARG A 62 -2.03 0.02 -8.13
C ARG A 62 -2.01 -1.42 -8.60
N ILE A 63 -3.12 -1.85 -9.18
CA ILE A 63 -3.21 -3.17 -9.79
C ILE A 63 -3.65 -3.00 -11.24
N PHE A 64 -2.94 -3.64 -12.15
CA PHE A 64 -3.25 -3.57 -13.57
C PHE A 64 -3.56 -4.97 -14.08
N ASN A 65 -4.46 -5.07 -15.05
CA ASN A 65 -4.76 -6.35 -15.65
C ASN A 65 -3.89 -6.52 -16.90
N ALA A 66 -4.02 -7.69 -17.54
CA ALA A 66 -3.16 -8.02 -18.67
C ALA A 66 -3.45 -7.15 -19.88
N ASP A 67 -4.60 -6.48 -19.91
CA ASP A 67 -4.94 -5.53 -20.96
C ASP A 67 -4.27 -4.18 -20.75
N GLY A 68 -3.70 -3.94 -19.58
CA GLY A 68 -3.02 -2.68 -19.31
C GLY A 68 -3.88 -1.65 -18.63
N SER A 69 -5.03 -2.03 -18.13
CA SER A 69 -5.95 -1.12 -17.47
C SER A 69 -5.79 -1.27 -15.97
N GLU A 70 -5.96 -0.15 -15.26
CA GLU A 70 -5.95 -0.20 -13.82
C GLU A 70 -7.25 -0.81 -13.34
N VAL A 71 -7.13 -1.76 -12.42
CA VAL A 71 -8.27 -2.46 -11.82
C VAL A 71 -8.50 -1.89 -10.43
N ALA A 72 -9.77 -1.63 -10.10
CA ALA A 72 -10.17 -1.07 -8.82
C ALA A 72 -11.20 -2.00 -8.21
N GLN A 73 -10.74 -3.08 -7.57
CA GLN A 73 -11.59 -3.98 -6.81
C GLN A 73 -11.12 -4.01 -5.36
N CYS A 74 -12.01 -3.63 -4.44
CA CYS A 74 -11.74 -3.47 -3.00
C CYS A 74 -10.86 -4.58 -2.43
N GLY A 75 -9.81 -4.18 -1.70
CA GLY A 75 -8.89 -5.08 -1.01
C GLY A 75 -8.05 -5.97 -1.90
N ASN A 76 -8.25 -5.91 -3.22
CA ASN A 76 -7.50 -6.75 -4.14
C ASN A 76 -6.00 -6.56 -3.96
N GLY A 77 -5.27 -7.69 -3.88
CA GLY A 77 -3.82 -7.70 -3.78
C GLY A 77 -3.27 -7.32 -2.42
N ALA A 78 -4.13 -7.02 -1.45
CA ALA A 78 -3.68 -6.41 -0.21
C ALA A 78 -2.67 -7.28 0.54
N ARG A 79 -2.83 -8.60 0.51
CA ARG A 79 -1.97 -9.47 1.33
C ARG A 79 -0.58 -9.57 0.74
N CYS A 80 -0.50 -9.75 -0.58
CA CYS A 80 0.79 -9.75 -1.26
C CYS A 80 1.50 -8.42 -1.07
N PHE A 81 0.77 -7.31 -1.23
CA PHE A 81 1.35 -5.99 -1.04
C PHE A 81 2.01 -5.88 0.34
N ALA A 82 1.26 -6.25 1.39
CA ALA A 82 1.76 -6.08 2.75
C ALA A 82 3.00 -6.94 3.00
N ARG A 83 2.99 -8.19 2.55
CA ARG A 83 4.17 -9.05 2.70
C ARG A 83 5.32 -8.59 1.82
N PHE A 84 5.03 -8.11 0.61
CA PHE A 84 6.09 -7.63 -0.27
C PHE A 84 6.87 -6.48 0.36
N VAL A 85 6.17 -5.48 0.94
CA VAL A 85 6.94 -4.31 1.36
C VAL A 85 7.82 -4.65 2.56
N ARG A 86 7.36 -5.56 3.42
CA ARG A 86 8.20 -6.02 4.52
C ARG A 86 9.33 -6.89 4.01
N LEU A 87 9.03 -7.84 3.11
CA LEU A 87 10.07 -8.72 2.58
C LEU A 87 11.16 -7.94 1.89
N LYS A 88 10.82 -6.83 1.24
CA LYS A 88 11.82 -6.08 0.52
C LYS A 88 12.44 -4.99 1.37
N GLY A 89 12.09 -4.92 2.65
CA GLY A 89 12.68 -3.89 3.49
C GLY A 89 12.24 -2.47 3.19
N LEU A 90 11.10 -2.30 2.51
CA LEU A 90 10.53 -0.97 2.30
C LEU A 90 9.87 -0.42 3.56
N THR A 91 9.48 -1.31 4.47
CA THR A 91 8.98 -0.90 5.77
C THR A 91 9.26 -2.02 6.74
N ASN A 92 9.26 -1.64 8.02
CA ASN A 92 9.34 -2.59 9.11
C ASN A 92 8.04 -2.56 9.92
N LYS A 93 7.05 -1.79 9.49
CA LYS A 93 5.82 -1.66 10.26
C LYS A 93 4.96 -2.93 10.15
N ARG A 94 4.23 -3.22 11.21
CA ARG A 94 3.26 -4.31 11.14
C ARG A 94 1.87 -3.81 10.80
N ASP A 95 1.56 -2.55 11.12
CA ASP A 95 0.34 -1.89 10.67
C ASP A 95 0.74 -0.94 9.54
N ILE A 96 0.37 -1.28 8.32
CA ILE A 96 0.76 -0.54 7.14
C ILE A 96 -0.45 0.21 6.61
N ARG A 97 -0.30 1.52 6.44
CA ARG A 97 -1.38 2.36 5.92
C ARG A 97 -1.15 2.62 4.45
N VAL A 98 -2.13 2.29 3.61
CA VAL A 98 -1.91 2.29 2.17
C VAL A 98 -3.14 2.85 1.48
N SER A 99 -2.93 3.65 0.44
CA SER A 99 -4.00 4.04 -0.44
C SER A 99 -4.04 3.13 -1.66
N THR A 100 -5.26 2.94 -2.19
CA THR A 100 -5.46 2.19 -3.43
C THR A 100 -6.48 2.91 -4.30
N ALA A 101 -6.80 2.32 -5.45
CA ALA A 101 -7.84 2.88 -6.30
C ALA A 101 -9.20 2.93 -5.62
N ASN A 102 -9.44 2.12 -4.59
CA ASN A 102 -10.73 2.08 -3.91
C ASN A 102 -10.79 2.85 -2.61
N GLY A 103 -9.73 3.54 -2.20
CA GLY A 103 -9.74 4.20 -0.92
C GLY A 103 -8.51 3.84 -0.13
N ARG A 104 -8.57 3.86 1.19
CA ARG A 104 -7.40 3.56 1.99
C ARG A 104 -7.70 2.43 2.97
N MET A 105 -6.63 1.78 3.42
CA MET A 105 -6.73 0.63 4.30
C MET A 105 -5.60 0.68 5.32
N VAL A 106 -5.83 0.04 6.46
CA VAL A 106 -4.77 -0.32 7.39
C VAL A 106 -4.66 -1.83 7.36
N LEU A 107 -3.55 -2.34 6.84
CA LEU A 107 -3.27 -3.78 6.79
C LEU A 107 -2.38 -4.14 7.98
N THR A 108 -2.68 -5.27 8.63
CA THR A 108 -1.88 -5.74 9.77
C THR A 108 -1.23 -7.07 9.41
N VAL A 109 0.09 -7.12 9.53
CA VAL A 109 0.83 -8.35 9.31
C VAL A 109 0.98 -9.04 10.67
N THR A 110 0.52 -10.28 10.76
CA THR A 110 0.53 -11.00 12.02
C THR A 110 1.88 -11.69 12.23
N ASP A 111 2.07 -12.24 13.43
CA ASP A 111 3.32 -12.91 13.73
C ASP A 111 3.52 -14.18 12.91
N ASP A 112 2.44 -14.78 12.40
CA ASP A 112 2.54 -15.91 11.49
C ASP A 112 2.68 -15.48 10.04
N ASP A 113 2.96 -14.20 9.79
CA ASP A 113 3.12 -13.69 8.43
C ASP A 113 1.84 -13.76 7.61
N LEU A 114 0.69 -13.72 8.27
CA LEU A 114 -0.57 -13.58 7.58
C LEU A 114 -0.96 -12.11 7.61
N VAL A 115 -1.88 -11.72 6.73
CA VAL A 115 -2.28 -10.32 6.63
C VAL A 115 -3.76 -10.20 6.98
N ARG A 116 -4.06 -9.32 7.93
CA ARG A 116 -5.43 -9.13 8.38
C ARG A 116 -5.95 -7.80 7.86
N VAL A 117 -7.17 -7.84 7.30
CA VAL A 117 -7.83 -6.70 6.67
C VAL A 117 -9.12 -6.42 7.41
N ASN A 118 -9.37 -5.16 7.76
CA ASN A 118 -10.64 -4.75 8.35
C ASN A 118 -11.67 -4.61 7.23
N MET A 119 -12.65 -5.51 7.19
CA MET A 119 -13.62 -5.52 6.10
C MET A 119 -14.86 -4.69 6.40
N GLY A 120 -14.90 -3.99 7.54
CA GLY A 120 -16.08 -3.25 7.93
C GLY A 120 -17.12 -4.14 8.61
N GLU A 121 -18.23 -3.50 9.02
CA GLU A 121 -19.29 -4.23 9.73
C GLU A 121 -20.31 -4.76 8.74
N PRO A 122 -20.60 -6.06 8.75
CA PRO A 122 -21.68 -6.57 7.90
C PRO A 122 -22.99 -5.85 8.15
N ASN A 123 -23.76 -5.67 7.08
CA ASN A 123 -25.08 -5.05 7.15
C ASN A 123 -26.11 -6.08 6.73
N PHE A 124 -27.06 -6.37 7.62
CA PHE A 124 -28.11 -7.36 7.33
C PHE A 124 -29.41 -6.72 6.91
N GLU A 125 -29.49 -5.40 6.95
CA GLU A 125 -30.70 -4.72 6.50
C GLU A 125 -30.99 -5.07 5.05
N PRO A 126 -32.12 -5.71 4.75
CA PRO A 126 -32.41 -6.05 3.35
C PRO A 126 -32.26 -4.88 2.39
N SER A 127 -32.68 -3.68 2.81
CA SER A 127 -32.63 -2.54 1.91
C SER A 127 -31.20 -2.22 1.46
N ALA A 128 -30.21 -2.53 2.29
CA ALA A 128 -28.83 -2.23 1.96
C ALA A 128 -28.15 -3.34 1.16
N VAL A 129 -28.82 -4.45 0.90
CA VAL A 129 -28.17 -5.55 0.21
C VAL A 129 -27.92 -5.19 -1.25
N PRO A 130 -28.96 -4.89 -2.06
CA PRO A 130 -30.39 -4.88 -1.79
C PRO A 130 -31.08 -6.26 -1.90
N PHE A 131 -32.10 -6.46 -1.06
CA PHE A 131 -32.83 -7.71 -0.98
C PHE A 131 -34.30 -7.37 -0.75
N ARG A 132 -35.18 -8.10 -1.44
CA ARG A 132 -36.62 -7.87 -1.33
C ARG A 132 -37.17 -8.68 -0.17
N ALA A 133 -37.49 -8.00 0.93
CA ALA A 133 -38.05 -8.58 2.14
C ALA A 133 -38.49 -7.46 3.07
N ASN A 134 -39.49 -7.74 3.91
CA ASN A 134 -40.09 -6.70 4.74
C ASN A 134 -39.17 -6.28 5.87
N LYS A 135 -38.59 -7.25 6.57
CA LYS A 135 -37.67 -6.93 7.66
C LYS A 135 -36.59 -7.99 7.71
N ALA A 136 -35.50 -7.66 8.39
CA ALA A 136 -34.38 -8.59 8.48
C ALA A 136 -34.76 -9.85 9.24
N GLU A 137 -34.22 -10.98 8.78
CA GLU A 137 -34.38 -12.26 9.43
C GLU A 137 -33.03 -12.95 9.44
N LYS A 138 -32.78 -13.77 10.47
CA LYS A 138 -31.58 -14.59 10.47
C LYS A 138 -31.64 -15.67 9.40
N THR A 139 -32.84 -16.12 9.05
CA THR A 139 -33.00 -17.03 7.94
C THR A 139 -34.17 -16.56 7.09
N TYR A 140 -34.07 -16.82 5.79
CA TYR A 140 -35.10 -16.46 4.82
C TYR A 140 -35.47 -17.68 4.00
N ILE A 141 -36.73 -17.71 3.56
CA ILE A 141 -37.20 -18.73 2.63
C ILE A 141 -37.22 -18.14 1.23
N MET A 142 -36.72 -18.89 0.25
CA MET A 142 -36.80 -18.47 -1.14
C MET A 142 -37.11 -19.67 -2.02
N ARG A 143 -38.02 -19.46 -2.97
CA ARG A 143 -38.32 -20.47 -3.98
C ARG A 143 -37.38 -20.27 -5.16
N ALA A 144 -36.73 -21.35 -5.59
CA ALA A 144 -35.73 -21.28 -6.65
C ALA A 144 -35.98 -22.43 -7.63
N ALA A 145 -36.64 -22.13 -8.75
CA ALA A 145 -37.12 -23.17 -9.63
C ALA A 145 -38.29 -23.85 -8.90
N GLU A 146 -38.43 -25.17 -8.97
CA GLU A 146 -39.43 -25.88 -8.18
C GLU A 146 -38.62 -26.61 -7.10
N GLN A 147 -38.11 -25.81 -6.16
CA GLN A 147 -37.33 -26.19 -5.01
C GLN A 147 -37.42 -25.00 -4.06
N THR A 148 -37.40 -25.27 -2.76
CA THR A 148 -37.38 -24.18 -1.79
C THR A 148 -36.11 -24.30 -0.95
N ILE A 149 -35.60 -23.14 -0.57
CA ILE A 149 -34.25 -22.97 -0.03
C ILE A 149 -34.35 -22.06 1.17
N LEU A 150 -33.57 -22.37 2.20
CA LEU A 150 -33.35 -21.46 3.32
C LEU A 150 -31.97 -20.84 3.19
N CYS A 151 -31.84 -19.58 3.60
CA CYS A 151 -30.59 -18.88 3.35
C CYS A 151 -30.51 -17.67 4.27
N GLY A 152 -29.28 -17.21 4.48
CA GLY A 152 -29.05 -15.91 5.07
C GLY A 152 -28.67 -14.91 4.00
N VAL A 153 -28.93 -13.64 4.27
CA VAL A 153 -28.62 -12.55 3.34
C VAL A 153 -27.88 -11.46 4.09
N VAL A 154 -26.82 -10.94 3.47
CA VAL A 154 -25.99 -9.90 4.10
C VAL A 154 -25.27 -9.14 2.99
N SER A 155 -24.87 -7.91 3.30
CA SER A 155 -24.04 -7.10 2.41
C SER A 155 -22.70 -6.81 3.08
N MET A 156 -21.60 -7.16 2.40
CA MET A 156 -20.26 -6.75 2.79
C MET A 156 -19.77 -5.54 1.98
N GLY A 157 -20.71 -4.69 1.57
CA GLY A 157 -20.51 -3.72 0.52
C GLY A 157 -21.05 -4.20 -0.81
N ASN A 158 -21.01 -5.51 -1.03
CA ASN A 158 -21.68 -6.17 -2.14
C ASN A 158 -22.66 -7.19 -1.60
N PRO A 159 -23.59 -7.65 -2.43
CA PRO A 159 -24.69 -8.50 -1.94
C PRO A 159 -24.32 -9.97 -1.85
N HIS A 160 -24.83 -10.64 -0.80
CA HIS A 160 -24.52 -12.04 -0.57
C HIS A 160 -25.74 -12.79 -0.08
N CYS A 161 -25.88 -14.01 -0.55
CA CYS A 161 -26.92 -14.93 -0.12
C CYS A 161 -26.25 -16.25 0.23
N VAL A 162 -26.36 -16.68 1.48
CA VAL A 162 -25.56 -17.81 1.97
C VAL A 162 -26.47 -18.99 2.30
N ILE A 163 -26.14 -20.16 1.75
CA ILE A 163 -26.96 -21.37 1.87
C ILE A 163 -26.12 -22.45 2.54
N GLN A 164 -26.68 -23.09 3.57
CA GLN A 164 -26.02 -24.21 4.24
C GLN A 164 -26.16 -25.48 3.42
N VAL A 165 -25.06 -26.19 3.22
CA VAL A 165 -25.07 -27.49 2.57
C VAL A 165 -24.37 -28.49 3.47
N ASP A 166 -24.56 -29.77 3.14
CA ASP A 166 -23.95 -30.85 3.91
C ASP A 166 -22.58 -31.24 3.36
N ASP A 167 -22.31 -30.94 2.09
CA ASP A 167 -20.99 -31.15 1.52
C ASP A 167 -20.85 -30.23 0.31
N VAL A 168 -19.77 -29.46 0.27
CA VAL A 168 -19.59 -28.51 -0.84
C VAL A 168 -19.31 -29.26 -2.14
N ASP A 169 -18.66 -30.42 -2.08
CA ASP A 169 -18.42 -31.18 -3.29
C ASP A 169 -19.72 -31.69 -3.90
N THR A 170 -20.71 -32.00 -3.06
CA THR A 170 -22.02 -32.46 -3.50
C THR A 170 -23.04 -31.35 -3.36
N ALA A 171 -22.76 -30.20 -3.97
CA ALA A 171 -23.66 -29.07 -3.98
C ALA A 171 -23.97 -28.70 -5.43
N ALA A 172 -25.21 -28.30 -5.68
CA ALA A 172 -25.65 -27.95 -7.02
C ALA A 172 -25.32 -26.50 -7.34
N VAL A 173 -24.07 -26.13 -7.04
CA VAL A 173 -23.60 -24.78 -7.30
C VAL A 173 -23.91 -24.36 -8.74
N GLU A 174 -23.88 -25.29 -9.68
CA GLU A 174 -24.00 -24.94 -11.08
C GLU A 174 -25.43 -24.77 -11.55
N THR A 175 -26.41 -25.37 -10.87
CA THR A 175 -27.81 -25.13 -11.21
C THR A 175 -28.46 -24.13 -10.27
N LEU A 176 -28.33 -24.35 -8.96
CA LEU A 176 -28.91 -23.44 -7.99
C LEU A 176 -28.17 -22.10 -7.97
N GLY A 177 -26.88 -22.10 -8.26
CA GLY A 177 -26.11 -20.88 -8.31
C GLY A 177 -26.73 -19.84 -9.22
N PRO A 178 -26.81 -20.14 -10.52
CA PRO A 178 -27.38 -19.16 -11.45
C PRO A 178 -28.79 -18.75 -11.07
N VAL A 179 -29.62 -19.69 -10.65
CA VAL A 179 -31.02 -19.40 -10.35
C VAL A 179 -31.13 -18.34 -9.25
N LEU A 180 -30.29 -18.46 -8.22
CA LEU A 180 -30.37 -17.50 -7.12
C LEU A 180 -29.60 -16.23 -7.42
N GLU A 181 -28.47 -16.35 -8.14
CA GLU A 181 -27.65 -15.19 -8.46
C GLU A 181 -28.46 -14.08 -9.11
N SER A 182 -29.33 -14.44 -10.05
CA SER A 182 -30.20 -13.47 -10.69
C SER A 182 -31.65 -13.62 -10.24
N HIS A 183 -31.86 -14.11 -9.02
CA HIS A 183 -33.22 -14.26 -8.49
C HIS A 183 -33.91 -12.90 -8.43
N GLU A 184 -35.21 -12.90 -8.70
CA GLU A 184 -35.95 -11.64 -8.79
C GLU A 184 -35.91 -10.86 -7.49
N ARG A 185 -35.65 -11.52 -6.36
CA ARG A 185 -35.61 -10.80 -5.09
C ARG A 185 -34.27 -10.09 -4.87
N PHE A 186 -33.32 -10.19 -5.80
CA PHE A 186 -32.04 -9.47 -5.74
C PHE A 186 -31.96 -8.50 -6.91
N PRO A 187 -32.53 -7.30 -6.77
CA PRO A 187 -32.59 -6.39 -7.95
C PRO A 187 -31.23 -6.06 -8.52
N GLU A 188 -30.14 -6.27 -7.77
CA GLU A 188 -28.79 -6.08 -8.29
C GLU A 188 -28.01 -7.38 -8.30
N ARG A 189 -28.71 -8.51 -8.34
CA ARG A 189 -28.11 -9.83 -8.24
C ARG A 189 -27.40 -10.00 -6.91
N ALA A 190 -26.82 -11.17 -6.69
CA ALA A 190 -26.10 -11.41 -5.44
C ALA A 190 -25.13 -12.56 -5.63
N ASN A 191 -24.07 -12.57 -4.82
CA ASN A 191 -23.15 -13.70 -4.78
C ASN A 191 -23.73 -14.80 -3.92
N ILE A 192 -23.65 -16.04 -4.41
CA ILE A 192 -24.34 -17.16 -3.80
C ILE A 192 -23.32 -18.09 -3.18
N GLY A 193 -23.28 -18.14 -1.85
CA GLY A 193 -22.32 -18.96 -1.13
C GLY A 193 -22.93 -20.26 -0.64
N PHE A 194 -22.17 -21.36 -0.82
CA PHE A 194 -22.58 -22.69 -0.37
C PHE A 194 -21.66 -23.13 0.77
N MET A 195 -22.19 -23.05 2.00
CA MET A 195 -21.40 -23.18 3.22
C MET A 195 -21.63 -24.54 3.87
N GLN A 196 -20.59 -25.38 3.91
CA GLN A 196 -20.62 -26.64 4.66
C GLN A 196 -19.94 -26.40 6.01
N VAL A 197 -20.73 -26.43 7.08
CA VAL A 197 -20.23 -26.20 8.44
C VAL A 197 -19.61 -27.50 8.96
N VAL A 198 -18.27 -27.52 9.07
CA VAL A 198 -17.59 -28.66 9.66
C VAL A 198 -17.63 -28.59 11.18
N LYS A 199 -17.25 -27.45 11.74
CA LYS A 199 -17.34 -27.19 13.18
C LYS A 199 -17.80 -25.75 13.36
N ARG A 200 -18.12 -25.38 14.59
CA ARG A 200 -18.39 -23.98 14.89
C ARG A 200 -17.26 -23.05 14.46
N GLU A 201 -16.05 -23.59 14.28
CA GLU A 201 -14.87 -22.80 13.98
C GLU A 201 -14.29 -23.13 12.61
N HIS A 202 -15.01 -23.88 11.78
CA HIS A 202 -14.41 -24.40 10.55
C HIS A 202 -15.53 -24.65 9.54
N ILE A 203 -15.48 -23.97 8.38
CA ILE A 203 -16.40 -24.20 7.28
C ILE A 203 -15.63 -24.44 5.99
N ARG A 204 -16.30 -25.11 5.07
CA ARG A 204 -15.86 -25.15 3.68
C ARG A 204 -16.86 -24.34 2.87
N LEU A 205 -16.39 -23.77 1.76
CA LEU A 205 -17.21 -22.81 1.04
C LEU A 205 -16.93 -22.88 -0.45
N ARG A 206 -18.00 -22.78 -1.25
CA ARG A 206 -17.90 -22.47 -2.66
C ARG A 206 -18.81 -21.28 -2.93
N VAL A 207 -18.40 -20.43 -3.86
CA VAL A 207 -19.11 -19.18 -4.08
C VAL A 207 -19.40 -19.03 -5.57
N TYR A 208 -20.68 -18.88 -5.91
CA TYR A 208 -21.11 -18.54 -7.26
C TYR A 208 -21.22 -17.02 -7.31
N GLU A 209 -20.20 -16.36 -7.85
CA GLU A 209 -20.13 -14.91 -7.77
C GLU A 209 -21.13 -14.25 -8.70
N ARG A 210 -21.62 -13.11 -8.26
CA ARG A 210 -22.47 -12.26 -9.08
C ARG A 210 -21.86 -12.06 -10.46
N GLY A 211 -22.60 -12.46 -11.50
CA GLY A 211 -22.17 -12.30 -12.88
C GLY A 211 -21.00 -13.15 -13.32
N ALA A 212 -20.15 -13.59 -12.38
CA ALA A 212 -18.90 -14.25 -12.72
C ALA A 212 -18.90 -15.76 -12.52
N GLY A 213 -19.95 -16.34 -11.91
CA GLY A 213 -19.92 -17.76 -11.65
C GLY A 213 -18.89 -18.14 -10.59
N GLU A 214 -18.57 -19.44 -10.53
CA GLU A 214 -17.72 -19.95 -9.47
C GLU A 214 -16.27 -19.51 -9.68
N THR A 215 -15.67 -18.96 -8.64
CA THR A 215 -14.28 -18.55 -8.60
C THR A 215 -13.55 -19.35 -7.52
N GLN A 216 -12.24 -19.14 -7.44
CA GLN A 216 -11.42 -19.97 -6.55
C GLN A 216 -11.32 -19.41 -5.14
N ALA A 217 -11.30 -18.09 -4.97
CA ALA A 217 -11.12 -17.49 -3.64
C ALA A 217 -11.82 -16.12 -3.64
N CYS A 218 -13.10 -16.14 -3.27
CA CYS A 218 -13.87 -14.92 -3.12
C CYS A 218 -13.80 -14.47 -1.67
N GLY A 219 -13.01 -13.43 -1.40
CA GLY A 219 -12.77 -13.00 -0.03
C GLY A 219 -14.02 -12.46 0.64
N SER A 220 -14.78 -11.62 -0.07
CA SER A 220 -16.00 -11.07 0.51
C SER A 220 -17.03 -12.16 0.75
N GLY A 221 -17.03 -13.22 -0.08
CA GLY A 221 -17.93 -14.34 0.15
C GLY A 221 -17.59 -15.12 1.41
N ALA A 222 -16.31 -15.34 1.67
CA ALA A 222 -15.88 -15.93 2.94
C ALA A 222 -16.40 -15.09 4.11
N CYS A 223 -16.22 -13.77 4.04
CA CYS A 223 -16.73 -12.88 5.09
C CYS A 223 -18.24 -13.01 5.25
N ALA A 224 -18.96 -13.03 4.14
CA ALA A 224 -20.41 -13.03 4.20
C ALA A 224 -20.92 -14.33 4.81
N ALA A 225 -20.35 -15.46 4.39
CA ALA A 225 -20.76 -16.75 4.91
C ALA A 225 -20.55 -16.80 6.42
N VAL A 226 -19.35 -16.41 6.88
CA VAL A 226 -19.09 -16.43 8.30
C VAL A 226 -19.96 -15.43 9.05
N ALA A 227 -20.27 -14.29 8.42
CA ALA A 227 -21.13 -13.33 9.09
C ALA A 227 -22.55 -13.87 9.23
N VAL A 228 -23.05 -14.52 8.19
CA VAL A 228 -24.37 -15.13 8.26
C VAL A 228 -24.38 -16.24 9.29
N GLY A 229 -23.39 -17.13 9.22
CA GLY A 229 -23.32 -18.25 10.16
C GLY A 229 -23.28 -17.80 11.61
N ILE A 230 -22.55 -16.72 11.88
CA ILE A 230 -22.54 -16.17 13.23
C ILE A 230 -23.88 -15.56 13.58
N GLN A 231 -24.45 -14.77 12.66
CA GLN A 231 -25.75 -14.16 12.92
C GLN A 231 -26.82 -15.20 13.20
N GLN A 232 -26.64 -16.41 12.68
CA GLN A 232 -27.60 -17.48 12.83
C GLN A 232 -27.33 -18.37 14.05
N GLY A 233 -26.32 -18.01 14.86
CA GLY A 233 -25.95 -18.81 16.02
C GLY A 233 -25.29 -20.12 15.69
N LEU A 234 -24.71 -20.26 14.50
CA LEU A 234 -24.08 -21.51 14.10
C LEU A 234 -22.55 -21.49 14.19
N LEU A 235 -21.93 -20.32 14.34
CA LEU A 235 -20.49 -20.23 14.18
C LEU A 235 -19.85 -19.48 15.33
N ALA A 236 -18.62 -19.85 15.62
CA ALA A 236 -17.82 -19.18 16.64
C ALA A 236 -17.37 -17.81 16.15
N GLU A 237 -16.69 -17.08 17.05
CA GLU A 237 -16.21 -15.73 16.79
C GLU A 237 -15.04 -15.70 15.81
N GLU A 238 -14.39 -16.83 15.59
CA GLU A 238 -13.25 -16.92 14.70
C GLU A 238 -13.41 -18.21 13.95
N VAL A 239 -13.36 -18.14 12.62
CA VAL A 239 -13.73 -19.28 11.78
C VAL A 239 -12.68 -19.47 10.71
N ARG A 240 -12.17 -20.68 10.61
CA ARG A 240 -11.41 -21.07 9.45
C ARG A 240 -12.37 -21.28 8.28
N VAL A 241 -12.05 -20.71 7.12
CA VAL A 241 -12.84 -20.89 5.91
C VAL A 241 -11.95 -21.53 4.86
N GLU A 242 -12.32 -22.73 4.41
CA GLU A 242 -11.58 -23.40 3.36
C GLU A 242 -12.31 -23.19 2.04
N LEU A 243 -11.63 -22.57 1.09
CA LEU A 243 -12.14 -22.29 -0.24
C LEU A 243 -11.35 -23.09 -1.26
N PRO A 244 -11.90 -23.29 -2.45
CA PRO A 244 -11.13 -23.93 -3.51
C PRO A 244 -9.72 -23.37 -3.64
N GLY A 245 -9.58 -22.05 -3.47
CA GLY A 245 -8.29 -21.43 -3.69
C GLY A 245 -7.33 -21.50 -2.52
N GLY A 246 -7.81 -21.79 -1.33
CA GLY A 246 -6.98 -21.78 -0.14
C GLY A 246 -7.81 -21.48 1.09
N ARG A 247 -7.13 -21.02 2.14
CA ARG A 247 -7.71 -20.83 3.45
C ARG A 247 -7.71 -19.36 3.84
N LEU A 248 -8.85 -18.91 4.36
CA LEU A 248 -8.96 -17.62 5.03
C LEU A 248 -9.42 -17.85 6.47
N ASP A 249 -9.17 -16.85 7.33
CA ASP A 249 -9.66 -16.87 8.70
C ASP A 249 -10.41 -15.58 8.97
N ILE A 250 -11.68 -15.71 9.33
CA ILE A 250 -12.58 -14.60 9.60
C ILE A 250 -12.79 -14.48 11.09
N ALA A 251 -12.93 -13.24 11.56
CA ALA A 251 -13.17 -12.96 12.96
C ALA A 251 -14.15 -11.81 13.07
N TRP A 252 -15.17 -11.97 13.91
CA TRP A 252 -16.22 -10.97 14.03
C TRP A 252 -16.91 -11.17 15.38
N LYS A 253 -16.97 -10.08 16.16
CA LYS A 253 -17.64 -10.07 17.45
C LYS A 253 -19.13 -9.75 17.33
N GLY A 254 -19.67 -9.74 16.10
CA GLY A 254 -21.08 -9.53 15.88
C GLY A 254 -21.41 -8.06 15.77
N PRO A 255 -22.71 -7.74 15.66
CA PRO A 255 -23.12 -6.35 15.40
C PRO A 255 -22.46 -5.38 16.37
N GLY A 256 -22.19 -4.18 15.89
CA GLY A 256 -21.40 -3.21 16.61
C GLY A 256 -19.90 -3.25 16.34
N HIS A 257 -19.40 -4.34 15.77
CA HIS A 257 -17.98 -4.52 15.52
C HIS A 257 -17.68 -4.65 14.02
N PRO A 258 -16.48 -4.30 13.59
CA PRO A 258 -16.06 -4.65 12.24
C PRO A 258 -15.69 -6.13 12.16
N LEU A 259 -15.79 -6.68 10.95
CA LEU A 259 -15.36 -8.03 10.66
C LEU A 259 -13.96 -8.00 10.05
N TYR A 260 -13.14 -8.99 10.40
CA TYR A 260 -11.74 -9.04 9.97
C TYR A 260 -11.50 -10.30 9.15
N MET A 261 -10.66 -10.17 8.13
CA MET A 261 -10.33 -11.28 7.25
C MET A 261 -8.82 -11.40 7.19
N THR A 262 -8.30 -12.60 7.43
CA THR A 262 -6.87 -12.83 7.50
C THR A 262 -6.51 -13.91 6.51
N GLY A 263 -5.48 -13.67 5.73
CA GLY A 263 -5.11 -14.51 4.63
C GLY A 263 -3.62 -14.53 4.40
N PRO A 264 -3.15 -15.55 3.68
CA PRO A 264 -1.73 -15.67 3.36
C PRO A 264 -1.38 -14.98 2.06
N ALA A 265 -0.08 -14.79 1.87
CA ALA A 265 0.48 -14.43 0.58
C ALA A 265 1.80 -15.20 0.43
N VAL A 266 1.95 -15.89 -0.68
CA VAL A 266 3.13 -16.71 -0.92
C VAL A 266 4.07 -15.92 -1.79
N HIS A 267 5.32 -15.84 -1.38
CA HIS A 267 6.35 -15.25 -2.22
C HIS A 267 6.88 -16.37 -3.11
N VAL A 268 6.50 -16.34 -4.39
CA VAL A 268 6.83 -17.46 -5.27
C VAL A 268 8.24 -17.34 -5.86
N ALA A 269 8.64 -16.16 -6.33
CA ALA A 269 9.97 -16.00 -6.92
C ALA A 269 10.35 -14.53 -6.97
N ASP A 270 11.64 -14.29 -7.18
CA ASP A 270 12.15 -13.01 -7.63
C ASP A 270 12.66 -13.16 -9.05
N GLY A 271 12.71 -12.04 -9.76
CA GLY A 271 13.25 -12.01 -11.11
C GLY A 271 13.64 -10.60 -11.49
N PHE A 272 14.14 -10.50 -12.72
CA PHE A 272 14.47 -9.22 -13.30
C PHE A 272 14.23 -9.32 -14.79
N ILE A 273 13.94 -8.18 -15.40
CA ILE A 273 13.71 -8.11 -16.83
C ILE A 273 14.16 -6.75 -17.31
N HIS A 274 14.84 -6.73 -18.45
CA HIS A 274 15.28 -5.47 -19.05
C HIS A 274 14.14 -4.87 -19.87
N LEU A 275 13.86 -3.60 -19.63
CA LEU A 275 12.70 -2.95 -20.22
C LEU A 275 12.97 -2.33 -21.58
N SER B 1 35.76 30.32 -6.54
CA SER B 1 34.44 29.86 -6.13
C SER B 1 34.46 28.36 -5.91
N MET B 2 33.32 27.83 -5.45
CA MET B 2 33.22 26.40 -5.15
C MET B 2 32.78 25.57 -6.36
N ILE B 3 32.20 26.20 -7.38
CA ILE B 3 31.76 25.49 -8.58
C ILE B 3 32.91 24.70 -9.17
N ASP B 4 32.69 23.41 -9.41
CA ASP B 4 33.76 22.57 -9.93
C ASP B 4 33.86 22.72 -11.45
N ASP B 5 34.78 21.98 -12.06
CA ASP B 5 35.04 22.26 -13.48
C ASP B 5 33.89 21.82 -14.38
N ASP B 6 33.00 20.98 -13.90
CA ASP B 6 31.82 20.60 -14.68
C ASP B 6 30.62 21.51 -14.42
N GLY B 7 30.78 22.52 -13.57
CA GLY B 7 29.67 23.41 -13.26
C GLY B 7 28.77 22.97 -12.12
N TYR B 8 29.22 22.04 -11.27
CA TYR B 8 28.43 21.54 -10.15
C TYR B 8 28.85 22.22 -8.85
N ARG B 9 27.88 22.75 -8.11
CA ARG B 9 28.15 23.33 -6.80
C ARG B 9 28.19 22.24 -5.73
N PRO B 10 29.28 22.10 -4.97
CA PRO B 10 29.28 21.13 -3.85
C PRO B 10 28.21 21.48 -2.81
N ASN B 11 27.50 20.46 -2.33
CA ASN B 11 26.26 20.68 -1.59
C ASN B 11 26.06 19.53 -0.62
N VAL B 12 25.37 19.81 0.50
CA VAL B 12 25.04 18.76 1.47
C VAL B 12 23.53 18.78 1.70
N GLY B 13 22.94 17.58 1.75
CA GLY B 13 21.52 17.43 1.98
C GLY B 13 21.26 16.69 3.28
N ILE B 14 20.13 17.00 3.92
CA ILE B 14 19.87 16.51 5.27
C ILE B 14 18.53 15.80 5.32
N VAL B 15 18.54 14.52 5.65
CA VAL B 15 17.31 13.79 5.97
C VAL B 15 17.28 13.63 7.49
N ILE B 16 16.30 14.29 8.12
CA ILE B 16 16.13 14.27 9.58
C ILE B 16 14.95 13.37 9.89
N CYS B 17 15.19 12.32 10.67
CA CYS B 17 14.11 11.41 11.05
C CYS B 17 13.84 11.48 12.55
N ASN B 18 12.59 11.21 12.92
CA ASN B 18 12.26 11.10 14.32
C ASN B 18 12.22 9.63 14.73
N ARG B 19 11.68 9.38 15.91
CA ARG B 19 11.67 8.03 16.47
C ARG B 19 10.55 7.18 15.88
N GLN B 20 9.52 7.79 15.34
CA GLN B 20 8.53 7.05 14.57
C GLN B 20 8.96 6.73 13.15
N GLY B 21 10.18 7.07 12.75
CA GLY B 21 10.53 6.84 11.35
C GLY B 21 9.83 7.74 10.38
N GLN B 22 9.39 8.92 10.83
CA GLN B 22 9.00 9.98 9.91
C GLN B 22 10.23 10.82 9.56
N VAL B 23 10.10 11.62 8.52
CA VAL B 23 11.19 12.50 8.12
C VAL B 23 10.68 13.93 8.03
N MET B 24 11.58 14.85 8.29
CA MET B 24 11.25 16.27 8.30
C MET B 24 11.15 16.80 6.89
N TRP B 25 10.08 17.55 6.64
CA TRP B 25 9.72 18.03 5.32
C TRP B 25 9.45 19.51 5.48
N ALA B 26 10.13 20.34 4.71
CA ALA B 26 10.24 21.78 4.96
C ALA B 26 9.77 22.57 3.75
N ARG B 27 9.01 23.64 3.99
CA ARG B 27 8.43 24.47 2.94
C ARG B 27 9.36 25.63 2.62
N ARG B 28 9.74 25.75 1.35
CA ARG B 28 10.57 26.84 0.87
C ARG B 28 9.93 28.20 1.13
N PHE B 29 10.73 29.10 1.69
CA PHE B 29 10.22 30.37 2.19
C PHE B 29 9.45 31.10 1.10
N GLY B 30 8.22 31.53 1.43
CA GLY B 30 7.48 32.31 0.46
C GLY B 30 7.04 31.56 -0.77
N GLN B 31 7.12 30.23 -0.76
CA GLN B 31 6.66 29.41 -1.86
C GLN B 31 5.78 28.30 -1.33
N HIS B 32 5.33 27.45 -2.23
CA HIS B 32 4.52 26.31 -1.80
C HIS B 32 5.16 24.98 -2.19
N SER B 33 6.47 24.97 -2.53
CA SER B 33 7.18 23.73 -2.75
C SER B 33 7.89 23.30 -1.48
N TRP B 34 7.99 21.99 -1.28
CA TRP B 34 8.57 21.39 -0.08
C TRP B 34 9.78 20.57 -0.45
N GLN B 35 10.67 20.35 0.54
CA GLN B 35 11.93 19.68 0.25
C GLN B 35 12.65 19.34 1.55
N PHE B 36 13.75 18.60 1.43
CA PHE B 36 14.67 18.47 2.54
C PHE B 36 15.60 19.68 2.59
N PRO B 37 16.09 20.04 3.77
CA PRO B 37 17.14 21.06 3.85
C PRO B 37 18.38 20.60 3.07
N GLN B 38 19.05 21.56 2.45
CA GLN B 38 20.32 21.32 1.76
C GLN B 38 21.03 22.66 1.61
N GLY B 39 22.34 22.60 1.39
CA GLY B 39 23.04 23.88 1.20
C GLY B 39 24.47 23.69 0.78
N GLY B 40 25.07 24.82 0.38
CA GLY B 40 26.39 24.78 -0.23
C GLY B 40 27.49 24.64 0.82
N ILE B 41 28.46 23.79 0.50
CA ILE B 41 29.71 23.73 1.24
C ILE B 41 30.52 24.99 0.96
N ASN B 42 30.97 25.67 2.02
CA ASN B 42 31.71 26.91 1.88
C ASN B 42 33.20 26.64 1.84
N PRO B 43 34.00 27.60 1.38
CA PRO B 43 35.44 27.38 1.27
C PRO B 43 36.03 26.97 2.61
N GLY B 44 36.85 25.93 2.56
CA GLY B 44 37.53 25.47 3.75
C GLY B 44 36.75 24.53 4.65
N GLU B 45 35.49 24.20 4.36
CA GLU B 45 34.80 23.27 5.25
C GLU B 45 34.66 21.88 4.63
N SER B 46 34.66 20.88 5.50
CA SER B 46 34.32 19.52 5.10
C SER B 46 32.81 19.44 4.86
N ALA B 47 32.38 18.34 4.23
CA ALA B 47 30.94 18.12 4.07
C ALA B 47 30.23 18.13 5.41
N GLU B 48 30.77 17.41 6.40
CA GLU B 48 30.08 17.33 7.69
C GLU B 48 30.02 18.69 8.38
N GLN B 49 31.05 19.53 8.24
CA GLN B 49 30.99 20.88 8.81
C GLN B 49 29.92 21.72 8.11
N ALA B 50 29.87 21.69 6.78
CA ALA B 50 28.83 22.41 6.07
C ALA B 50 27.45 21.93 6.52
N MET B 51 27.32 20.62 6.73
CA MET B 51 26.05 20.04 7.13
C MET B 51 25.58 20.66 8.44
N TYR B 52 26.45 20.64 9.48
CA TYR B 52 26.04 21.21 10.76
C TYR B 52 25.73 22.70 10.64
N ARG B 53 26.51 23.43 9.85
CA ARG B 53 26.24 24.86 9.71
C ARG B 53 24.89 25.10 9.03
N GLU B 54 24.66 24.46 7.88
CA GLU B 54 23.39 24.66 7.20
C GLU B 54 22.24 24.19 8.08
N LEU B 55 22.46 23.10 8.83
CA LEU B 55 21.45 22.56 9.74
C LEU B 55 20.98 23.63 10.72
N PHE B 56 21.92 24.28 11.40
CA PHE B 56 21.52 25.33 12.32
C PHE B 56 20.92 26.52 11.58
N GLU B 57 21.52 26.94 10.46
CA GLU B 57 21.02 28.09 9.70
C GLU B 57 19.58 27.89 9.22
N GLU B 58 19.25 26.68 8.78
CA GLU B 58 17.97 26.45 8.10
C GLU B 58 16.90 25.93 9.04
N VAL B 59 17.28 25.07 9.98
CA VAL B 59 16.35 24.36 10.86
C VAL B 59 16.57 24.68 12.33
N GLY B 60 17.62 25.41 12.69
CA GLY B 60 17.82 25.78 14.08
C GLY B 60 18.30 24.68 15.00
N LEU B 61 18.75 23.55 14.47
CA LEU B 61 19.18 22.45 15.32
C LEU B 61 20.69 22.50 15.51
N SER B 62 21.13 22.30 16.74
CA SER B 62 22.53 22.25 17.15
C SER B 62 23.08 20.84 17.01
N ARG B 63 24.40 20.71 17.17
CA ARG B 63 25.05 19.39 17.19
C ARG B 63 24.39 18.44 18.18
N LYS B 64 24.00 18.93 19.34
CA LYS B 64 23.48 18.03 20.37
C LYS B 64 22.00 17.71 20.19
N ASP B 65 21.30 18.42 19.30
CA ASP B 65 19.92 18.07 18.98
C ASP B 65 19.82 16.82 18.10
N VAL B 66 20.92 16.37 17.49
CA VAL B 66 20.85 15.33 16.48
C VAL B 66 21.97 14.32 16.67
N ARG B 67 21.79 13.16 16.05
CA ARG B 67 22.83 12.16 15.93
C ARG B 67 22.98 11.81 14.46
N ILE B 68 24.21 11.71 13.97
CA ILE B 68 24.42 11.24 12.60
C ILE B 68 24.25 9.73 12.55
N LEU B 69 23.30 9.25 11.75
CA LEU B 69 23.05 7.83 11.56
C LEU B 69 23.73 7.25 10.33
N ALA B 70 23.93 8.05 9.29
CA ALA B 70 24.50 7.57 8.04
C ALA B 70 24.82 8.76 7.17
N SER B 71 25.61 8.49 6.13
CA SER B 71 25.86 9.47 5.10
C SER B 71 26.16 8.70 3.83
N THR B 72 25.88 9.33 2.68
CA THR B 72 26.14 8.69 1.40
C THR B 72 27.62 8.77 1.05
N ARG B 73 28.08 7.74 0.33
CA ARG B 73 29.51 7.57 0.07
C ARG B 73 30.03 8.64 -0.88
N ASN B 74 29.47 8.71 -2.08
CA ASN B 74 30.01 9.60 -3.10
C ASN B 74 28.99 10.66 -3.45
N TRP B 75 29.41 11.55 -4.35
CA TRP B 75 28.57 12.64 -4.82
C TRP B 75 27.37 12.12 -5.57
N LEU B 76 26.21 12.72 -5.32
CA LEU B 76 25.01 12.52 -6.12
C LEU B 76 24.67 13.83 -6.79
N ARG B 77 24.51 13.80 -8.11
CA ARG B 77 24.39 15.01 -8.90
C ARG B 77 22.99 15.16 -9.44
N TYR B 78 22.50 16.39 -9.48
CA TYR B 78 21.34 16.73 -10.27
C TYR B 78 21.63 18.02 -11.03
N LYS B 79 20.96 18.14 -12.19
CA LYS B 79 21.10 19.27 -13.08
C LYS B 79 19.96 20.23 -12.86
N LEU B 80 20.27 21.52 -12.84
CA LEU B 80 19.21 22.49 -12.83
C LEU B 80 18.43 22.39 -14.14
N PRO B 81 17.13 22.62 -14.12
CA PRO B 81 16.42 22.76 -15.39
C PRO B 81 17.04 23.91 -16.17
N LYS B 82 17.27 23.66 -17.46
CA LYS B 82 17.96 24.65 -18.30
C LYS B 82 17.40 26.05 -18.07
N ARG B 83 16.08 26.14 -17.90
CA ARG B 83 15.40 27.42 -17.69
C ARG B 83 15.86 28.15 -16.43
N LEU B 84 16.45 27.46 -15.46
CA LEU B 84 16.84 28.08 -14.22
C LEU B 84 18.34 28.35 -14.13
N VAL B 85 19.13 27.93 -15.11
CA VAL B 85 20.56 28.22 -15.16
C VAL B 85 20.78 29.70 -15.44
N ARG B 86 21.66 30.31 -14.67
CA ARG B 86 22.06 31.68 -14.90
C ARG B 86 23.37 31.64 -15.68
N TRP B 87 23.25 31.64 -17.01
CA TRP B 87 24.43 31.55 -17.88
C TRP B 87 25.30 32.80 -17.81
N ASP B 88 24.74 33.94 -17.42
CA ASP B 88 25.56 35.15 -17.31
C ASP B 88 26.46 35.16 -16.08
N THR B 89 26.20 34.31 -15.10
CA THR B 89 26.94 34.31 -13.84
C THR B 89 28.13 33.36 -13.97
N LYS B 90 29.32 33.93 -13.92
CA LYS B 90 30.61 33.27 -14.10
C LYS B 90 31.17 32.87 -12.74
N PRO B 91 31.62 31.60 -12.58
CA PRO B 91 31.52 30.43 -13.44
C PRO B 91 30.11 29.85 -13.41
N VAL B 92 29.67 29.27 -14.53
CA VAL B 92 28.28 28.87 -14.69
C VAL B 92 27.99 27.64 -13.85
N CYS B 93 26.90 27.69 -13.09
CA CYS B 93 26.44 26.56 -12.30
C CYS B 93 25.26 25.89 -12.99
N ILE B 94 25.46 24.66 -13.44
CA ILE B 94 24.40 23.91 -14.13
C ILE B 94 23.71 22.90 -13.22
N GLY B 95 24.13 22.80 -11.97
CA GLY B 95 23.55 21.83 -11.06
C GLY B 95 24.33 21.76 -9.77
N GLN B 96 23.91 20.82 -8.91
CA GLN B 96 24.57 20.64 -7.62
C GLN B 96 24.95 19.19 -7.44
N LYS B 97 26.03 19.01 -6.66
CA LYS B 97 26.66 17.74 -6.37
C LYS B 97 26.58 17.57 -4.85
N GLN B 98 25.97 16.48 -4.38
CA GLN B 98 25.56 16.42 -2.98
C GLN B 98 26.10 15.20 -2.27
N LYS B 99 26.46 15.43 -1.00
CA LYS B 99 26.61 14.38 -0.01
C LYS B 99 25.46 14.49 0.96
N TRP B 100 24.82 13.38 1.26
CA TRP B 100 23.59 13.36 2.05
C TRP B 100 23.86 12.77 3.42
N PHE B 101 23.22 13.35 4.43
CA PHE B 101 23.35 12.91 5.81
C PHE B 101 21.99 12.51 6.34
N LEU B 102 21.95 11.38 7.03
CA LEU B 102 20.77 10.94 7.76
C LEU B 102 20.99 11.28 9.22
N LEU B 103 20.12 12.11 9.78
CA LEU B 103 20.20 12.54 11.17
C LEU B 103 18.99 12.02 11.90
N GLN B 104 19.19 11.57 13.14
CA GLN B 104 18.08 11.37 14.05
C GLN B 104 17.95 12.59 14.94
N LEU B 105 16.75 13.15 14.99
CA LEU B 105 16.43 14.20 15.94
C LEU B 105 16.28 13.56 17.31
N VAL B 106 17.17 13.92 18.25
CA VAL B 106 17.15 13.36 19.59
C VAL B 106 16.56 14.33 20.61
N SER B 107 16.38 15.59 20.25
N SER B 107 16.39 15.61 20.25
CA SER B 107 15.71 16.53 21.13
CA SER B 107 15.70 16.56 21.09
C SER B 107 14.22 16.59 20.76
C SER B 107 14.21 16.60 20.76
N GLY B 108 13.46 17.39 21.51
CA GLY B 108 12.06 17.56 21.21
C GLY B 108 11.83 18.42 19.98
N ASP B 109 10.66 18.22 19.34
CA ASP B 109 10.32 19.01 18.16
C ASP B 109 10.45 20.51 18.40
N ALA B 110 10.26 20.97 19.64
CA ALA B 110 10.31 22.41 19.90
C ALA B 110 11.71 23.01 19.61
N GLU B 111 12.75 22.19 19.58
CA GLU B 111 14.09 22.71 19.26
C GLU B 111 14.23 23.12 17.80
N ILE B 112 13.29 22.72 16.95
CA ILE B 112 13.33 23.14 15.55
C ILE B 112 12.95 24.60 15.47
N ASN B 113 13.71 25.38 14.72
CA ASN B 113 13.42 26.80 14.58
C ASN B 113 13.97 27.26 13.24
N MET B 114 13.09 27.77 12.39
CA MET B 114 13.45 28.10 11.01
C MET B 114 13.91 29.54 10.83
N GLN B 115 14.09 30.29 11.91
CA GLN B 115 14.40 31.72 11.79
C GLN B 115 15.65 32.09 12.58
N THR B 116 16.65 31.20 12.59
CA THR B 116 17.91 31.58 13.21
C THR B 116 18.68 32.54 12.31
N SER B 117 18.36 32.62 11.03
CA SER B 117 19.15 33.44 10.14
C SER B 117 18.40 34.66 9.66
N SER B 118 19.19 35.57 9.09
CA SER B 118 18.66 36.79 8.48
C SER B 118 17.79 36.46 7.28
N THR B 119 18.14 35.39 6.56
CA THR B 119 17.52 35.02 5.29
C THR B 119 17.05 33.57 5.40
N PRO B 120 15.93 33.33 6.05
CA PRO B 120 15.51 31.93 6.26
C PRO B 120 15.12 31.31 4.93
N GLU B 121 15.51 30.05 4.75
CA GLU B 121 15.13 29.35 3.52
C GLU B 121 13.79 28.63 3.62
N PHE B 122 13.29 28.43 4.83
CA PHE B 122 12.02 27.74 5.04
C PHE B 122 11.10 28.57 5.93
N ASP B 123 9.79 28.38 5.76
CA ASP B 123 8.83 29.04 6.62
C ASP B 123 7.79 28.07 7.18
N GLY B 124 8.11 26.78 7.16
CA GLY B 124 7.23 25.78 7.72
C GLY B 124 7.87 24.41 7.58
N TRP B 125 7.35 23.47 8.37
CA TRP B 125 7.86 22.11 8.31
C TRP B 125 6.80 21.20 8.89
N ARG B 126 6.93 19.92 8.60
CA ARG B 126 6.07 18.92 9.22
C ARG B 126 6.78 17.58 9.08
N TRP B 127 6.35 16.63 9.91
CA TRP B 127 6.75 15.24 9.74
C TRP B 127 5.95 14.63 8.61
N VAL B 128 6.60 13.85 7.74
CA VAL B 128 5.92 13.08 6.69
C VAL B 128 6.43 11.64 6.72
N SER B 129 5.62 10.74 6.16
CA SER B 129 6.03 9.34 6.11
C SER B 129 7.27 9.21 5.21
N TYR B 130 8.05 8.17 5.49
CA TYR B 130 9.43 8.05 4.97
C TYR B 130 9.51 8.20 3.45
N TRP B 131 8.62 7.52 2.69
CA TRP B 131 8.75 7.54 1.24
C TRP B 131 7.99 8.68 0.57
N TYR B 132 7.15 9.40 1.30
CA TYR B 132 6.42 10.52 0.70
C TYR B 132 7.31 11.49 -0.08
N PRO B 133 8.49 11.88 0.40
CA PRO B 133 9.34 12.80 -0.38
C PRO B 133 9.73 12.27 -1.74
N VAL B 134 9.80 10.96 -1.93
CA VAL B 134 10.21 10.48 -3.24
C VAL B 134 9.19 10.87 -4.29
N ARG B 135 7.90 10.91 -3.93
CA ARG B 135 6.88 11.38 -4.87
C ARG B 135 6.84 12.90 -4.94
N GLN B 136 6.92 13.60 -3.79
CA GLN B 136 6.58 15.02 -3.73
C GLN B 136 7.71 15.96 -4.11
N VAL B 137 8.97 15.52 -4.03
CA VAL B 137 10.06 16.41 -4.38
C VAL B 137 9.90 16.86 -5.82
N VAL B 138 10.46 18.03 -6.13
CA VAL B 138 10.44 18.53 -7.49
C VAL B 138 11.15 17.53 -8.40
N SER B 139 10.69 17.47 -9.66
CA SER B 139 11.11 16.43 -10.60
C SER B 139 12.62 16.38 -10.78
N PHE B 140 13.26 17.55 -10.92
CA PHE B 140 14.67 17.42 -11.26
C PHE B 140 15.51 16.88 -10.10
N LYS B 141 14.98 16.80 -8.88
CA LYS B 141 15.69 16.20 -7.76
C LYS B 141 15.25 14.78 -7.46
N ARG B 142 14.32 14.22 -8.25
CA ARG B 142 13.67 12.98 -7.83
C ARG B 142 14.62 11.81 -7.90
N ASP B 143 15.50 11.76 -8.91
CA ASP B 143 16.41 10.63 -9.01
C ASP B 143 17.40 10.62 -7.85
N VAL B 144 17.90 11.78 -7.46
CA VAL B 144 18.75 11.84 -6.28
C VAL B 144 17.98 11.40 -5.03
N TYR B 145 16.77 11.93 -4.83
CA TYR B 145 15.98 11.56 -3.64
C TYR B 145 15.70 10.07 -3.58
N ARG B 146 15.34 9.47 -4.73
CA ARG B 146 15.05 8.04 -4.75
C ARG B 146 16.26 7.24 -4.28
N ARG B 147 17.45 7.57 -4.81
CA ARG B 147 18.68 6.88 -4.40
C ARG B 147 19.00 7.11 -2.94
N VAL B 148 18.89 8.37 -2.47
CA VAL B 148 19.14 8.67 -1.07
C VAL B 148 18.20 7.87 -0.17
N MET B 149 16.90 7.92 -0.46
CA MET B 149 15.97 7.29 0.47
C MET B 149 16.10 5.77 0.44
N LYS B 150 16.45 5.21 -0.72
CA LYS B 150 16.74 3.78 -0.81
C LYS B 150 17.93 3.40 0.05
N GLU B 151 19.03 4.16 -0.04
CA GLU B 151 20.22 3.87 0.76
C GLU B 151 19.96 3.99 2.25
N PHE B 152 19.20 5.03 2.67
CA PHE B 152 18.95 5.26 4.09
C PHE B 152 17.88 4.34 4.68
N ALA B 153 17.12 3.62 3.84
CA ALA B 153 15.94 2.89 4.33
C ALA B 153 16.31 1.87 5.40
N SER B 154 17.36 1.07 5.18
CA SER B 154 17.68 0.02 6.15
C SER B 154 17.99 0.63 7.52
N VAL B 155 18.65 1.78 7.54
CA VAL B 155 18.96 2.40 8.83
C VAL B 155 17.69 2.89 9.49
N VAL B 156 16.82 3.56 8.74
CA VAL B 156 15.60 4.02 9.37
C VAL B 156 14.68 2.85 9.75
N MET B 157 14.54 1.83 8.89
CA MET B 157 13.70 0.66 9.21
C MET B 157 14.36 -0.22 10.25
N SER B 158 15.07 0.37 11.22
CA SER B 158 15.74 -0.36 12.29
C SER B 158 15.54 0.32 13.64
N LEU B 159 15.08 1.56 13.69
CA LEU B 159 14.74 2.23 14.92
C LEU B 159 13.37 1.78 15.46
N ALA B 160 12.74 0.78 14.85
CA ALA B 160 11.41 0.31 15.26
C ALA B 160 10.41 1.47 15.35
#